data_6VIZ
#
_entry.id   6VIZ
#
_cell.length_a   141.430
_cell.length_b   141.430
_cell.length_c   134.050
_cell.angle_alpha   90.000
_cell.angle_beta   90.000
_cell.angle_gamma   120.000
#
_symmetry.space_group_name_H-M   'P 61 2 2'
#
loop_
_entity.id
_entity.type
_entity.pdbx_description
1 polymer 'Bromodomain-containing protein 4'
2 non-polymer 4-[2-(2,6-dimethylphenoxy)-5-(ethylsulfonyl)phenyl]-N-ethyl-6-methyl-7-oxo-6,7-dihydro-1H-pyrrolo[2,3-c]pyridine-2-carboxamide
3 water water
#
_entity_poly.entity_id   1
_entity_poly.type   'polypeptide(L)'
_entity_poly.pdbx_seq_one_letter_code
;GSHMKRQTNQLQYLLRVVLKTLWKHQFAWPFQQPVDAVKLNLPDYYKIIKTPMDMGTIKKRLENNYYWNAQECIQDFNTM
FTNCYIYNKPGDDIVLMAEALEKLFLQKINELPTEE
;
_entity_poly.pdbx_strand_id   A,B,C
#
# COMPACT_ATOMS: atom_id res chain seq x y z
N THR A 8 -17.68 -19.03 3.25
CA THR A 8 -17.90 -19.24 1.83
C THR A 8 -16.53 -19.30 1.08
N ASN A 9 -16.37 -20.34 0.24
CA ASN A 9 -15.18 -20.56 -0.57
C ASN A 9 -15.07 -19.51 -1.68
N GLN A 10 -16.23 -19.07 -2.19
CA GLN A 10 -16.36 -18.05 -3.23
C GLN A 10 -15.84 -16.68 -2.74
N LEU A 11 -16.14 -16.28 -1.50
CA LEU A 11 -15.66 -15.04 -0.87
C LEU A 11 -14.13 -15.11 -0.71
N GLN A 12 -13.60 -16.29 -0.34
CA GLN A 12 -12.17 -16.54 -0.21
C GLN A 12 -11.48 -16.46 -1.60
N TYR A 13 -12.13 -16.96 -2.65
CA TYR A 13 -11.65 -16.90 -4.05
C TYR A 13 -11.64 -15.43 -4.53
N LEU A 14 -12.68 -14.68 -4.16
CA LEU A 14 -12.79 -13.25 -4.51
C LEU A 14 -11.62 -12.47 -3.90
N LEU A 15 -11.17 -12.82 -2.69
CA LEU A 15 -10.07 -12.14 -2.04
C LEU A 15 -8.71 -12.57 -2.57
N ARG A 16 -8.43 -13.87 -2.55
CA ARG A 16 -7.14 -14.41 -2.94
C ARG A 16 -6.87 -14.46 -4.45
N VAL A 17 -7.92 -14.59 -5.26
CA VAL A 17 -7.74 -14.73 -6.71
C VAL A 17 -8.25 -13.52 -7.49
N VAL A 18 -9.57 -13.21 -7.41
CA VAL A 18 -10.13 -12.13 -8.21
C VAL A 18 -9.51 -10.77 -7.87
N LEU A 19 -9.61 -10.35 -6.60
CA LEU A 19 -9.08 -9.08 -6.16
C LEU A 19 -7.57 -8.97 -6.40
N LYS A 20 -6.81 -10.03 -6.09
CA LYS A 20 -5.36 -10.02 -6.29
C LYS A 20 -4.99 -9.78 -7.75
N THR A 21 -5.66 -10.47 -8.69
CA THR A 21 -5.39 -10.31 -10.13
C THR A 21 -5.67 -8.89 -10.60
N LEU A 22 -6.81 -8.32 -10.20
CA LEU A 22 -7.20 -6.97 -10.59
C LEU A 22 -6.31 -5.91 -9.96
N TRP A 23 -5.96 -6.09 -8.67
CA TRP A 23 -5.12 -5.15 -7.93
C TRP A 23 -3.72 -5.03 -8.54
N LYS A 24 -3.16 -6.14 -9.03
CA LYS A 24 -1.82 -6.12 -9.62
C LYS A 24 -1.80 -5.67 -11.09
N HIS A 25 -2.96 -5.44 -11.71
CA HIS A 25 -3.05 -5.00 -13.10
C HIS A 25 -2.50 -3.58 -13.26
N GLN A 26 -1.97 -3.25 -14.45
CA GLN A 26 -1.38 -1.95 -14.75
C GLN A 26 -2.35 -0.78 -14.63
N PHE A 27 -3.65 -1.04 -14.88
CA PHE A 27 -4.68 0.00 -14.83
C PHE A 27 -5.40 0.12 -13.48
N ALA A 28 -4.97 -0.66 -12.47
CA ALA A 28 -5.63 -0.69 -11.18
C ALA A 28 -5.51 0.54 -10.31
N TRP A 29 -4.39 1.24 -10.33
CA TRP A 29 -4.12 2.32 -9.39
C TRP A 29 -5.25 3.36 -9.26
N PRO A 30 -5.99 3.84 -10.30
CA PRO A 30 -7.05 4.83 -10.00
C PRO A 30 -8.30 4.24 -9.33
N PHE A 31 -8.34 2.91 -9.18
CA PHE A 31 -9.43 2.14 -8.60
C PHE A 31 -9.13 1.51 -7.24
N GLN A 32 -7.92 1.75 -6.68
CA GLN A 32 -7.48 1.19 -5.41
C GLN A 32 -7.89 1.99 -4.19
N GLN A 33 -8.47 3.17 -4.37
CA GLN A 33 -8.90 4.04 -3.27
C GLN A 33 -10.14 4.79 -3.72
N PRO A 34 -11.00 5.29 -2.81
CA PRO A 34 -12.13 6.14 -3.24
C PRO A 34 -11.67 7.31 -4.10
N VAL A 35 -12.53 7.79 -5.02
CA VAL A 35 -12.25 8.94 -5.86
C VAL A 35 -12.25 10.14 -4.91
N ASP A 36 -11.11 10.84 -4.82
CA ASP A 36 -11.03 12.01 -3.93
C ASP A 36 -11.52 13.18 -4.74
N ALA A 37 -12.82 13.46 -4.68
CA ALA A 37 -13.43 14.55 -5.46
C ALA A 37 -12.95 15.95 -5.04
N VAL A 38 -12.45 16.08 -3.81
CA VAL A 38 -11.93 17.35 -3.32
C VAL A 38 -10.56 17.62 -4.01
N LYS A 39 -9.60 16.70 -3.90
CA LYS A 39 -8.29 16.90 -4.50
C LYS A 39 -8.30 16.86 -6.03
N LEU A 40 -9.31 16.21 -6.63
CA LEU A 40 -9.42 16.18 -8.10
C LEU A 40 -10.33 17.26 -8.66
N ASN A 41 -10.89 18.12 -7.79
CA ASN A 41 -11.78 19.20 -8.16
C ASN A 41 -12.97 18.72 -9.01
N LEU A 42 -13.71 17.72 -8.49
CA LEU A 42 -14.92 17.18 -9.10
C LEU A 42 -16.06 17.43 -8.08
N PRO A 43 -16.57 18.67 -7.90
CA PRO A 43 -17.57 18.92 -6.85
C PRO A 43 -18.95 18.27 -7.08
N ASP A 44 -19.22 17.81 -8.31
CA ASP A 44 -20.47 17.13 -8.66
C ASP A 44 -20.43 15.58 -8.49
N TYR A 45 -19.24 14.99 -8.31
CA TYR A 45 -19.05 13.54 -8.20
C TYR A 45 -19.97 12.87 -7.21
N TYR A 46 -20.03 13.35 -5.97
CA TYR A 46 -20.87 12.72 -4.95
C TYR A 46 -22.35 12.98 -5.12
N LYS A 47 -22.73 13.94 -5.96
CA LYS A 47 -24.13 14.21 -6.25
C LYS A 47 -24.60 13.20 -7.33
N ILE A 48 -23.76 12.96 -8.38
CA ILE A 48 -24.02 12.05 -9.48
C ILE A 48 -23.88 10.57 -9.06
N ILE A 49 -22.80 10.24 -8.35
CA ILE A 49 -22.49 8.89 -7.89
C ILE A 49 -22.98 8.69 -6.45
N LYS A 50 -24.16 8.07 -6.29
CA LYS A 50 -24.79 7.85 -5.00
C LYS A 50 -24.12 6.77 -4.17
N THR A 51 -23.47 5.81 -4.82
CA THR A 51 -22.79 4.73 -4.11
C THR A 51 -21.37 4.63 -4.60
N PRO A 52 -20.43 5.45 -4.09
CA PRO A 52 -19.03 5.32 -4.54
C PRO A 52 -18.48 3.95 -4.15
N MET A 53 -17.68 3.35 -5.04
CA MET A 53 -17.08 2.07 -4.72
C MET A 53 -15.72 1.99 -5.36
N ASP A 54 -14.78 1.29 -4.70
CA ASP A 54 -13.41 1.08 -5.19
C ASP A 54 -12.90 -0.24 -4.64
N MET A 55 -11.79 -0.74 -5.21
CA MET A 55 -11.15 -1.97 -4.78
C MET A 55 -10.56 -1.93 -3.38
N GLY A 56 -10.18 -0.75 -2.89
CA GLY A 56 -9.64 -0.63 -1.53
C GLY A 56 -10.74 -0.88 -0.51
N THR A 57 -11.94 -0.38 -0.76
CA THR A 57 -13.13 -0.59 0.08
C THR A 57 -13.60 -2.06 -0.01
N ILE A 58 -13.51 -2.68 -1.20
CA ILE A 58 -13.90 -4.08 -1.37
C ILE A 58 -12.92 -4.97 -0.58
N LYS A 59 -11.61 -4.67 -0.67
CA LYS A 59 -10.55 -5.35 0.05
C LYS A 59 -10.80 -5.27 1.57
N LYS A 60 -11.06 -4.06 2.10
CA LYS A 60 -11.36 -3.87 3.51
C LYS A 60 -12.61 -4.67 3.90
N ARG A 61 -13.64 -4.67 3.04
CA ARG A 61 -14.89 -5.41 3.26
C ARG A 61 -14.68 -6.94 3.30
N LEU A 62 -13.86 -7.50 2.39
CA LEU A 62 -13.50 -8.91 2.37
C LEU A 62 -12.63 -9.29 3.59
N GLU A 63 -11.71 -8.40 3.97
CA GLU A 63 -10.84 -8.66 5.11
C GLU A 63 -11.54 -8.53 6.46
N ASN A 64 -12.63 -7.78 6.53
CA ASN A 64 -13.29 -7.48 7.79
C ASN A 64 -14.70 -8.03 7.93
N ASN A 65 -15.00 -9.10 7.18
CA ASN A 65 -16.25 -9.86 7.28
C ASN A 65 -17.51 -9.04 7.03
N TYR A 66 -17.46 -8.05 6.14
CA TYR A 66 -18.62 -7.24 5.87
C TYR A 66 -19.71 -8.00 5.08
N TYR A 67 -19.32 -8.72 4.04
CA TYR A 67 -20.25 -9.29 3.10
C TYR A 67 -21.12 -10.46 3.62
N TRP A 68 -22.43 -10.36 3.34
CA TRP A 68 -23.41 -11.40 3.60
C TRP A 68 -23.10 -12.59 2.70
N ASN A 69 -22.63 -12.35 1.44
CA ASN A 69 -22.32 -13.42 0.50
C ASN A 69 -21.44 -12.94 -0.66
N ALA A 70 -20.99 -13.87 -1.54
CA ALA A 70 -20.19 -13.55 -2.71
C ALA A 70 -20.89 -12.60 -3.70
N GLN A 71 -22.21 -12.67 -3.80
CA GLN A 71 -22.97 -11.82 -4.70
C GLN A 71 -22.93 -10.37 -4.28
N GLU A 72 -22.96 -10.09 -2.96
CA GLU A 72 -22.89 -8.73 -2.44
C GLU A 72 -21.52 -8.11 -2.82
N CYS A 73 -20.45 -8.92 -2.87
CA CYS A 73 -19.11 -8.48 -3.26
C CYS A 73 -19.03 -8.23 -4.77
N ILE A 74 -19.55 -9.18 -5.60
CA ILE A 74 -19.61 -9.04 -7.06
C ILE A 74 -20.40 -7.78 -7.45
N GLN A 75 -21.43 -7.43 -6.68
CA GLN A 75 -22.21 -6.23 -6.90
C GLN A 75 -21.38 -4.95 -6.63
N ASP A 76 -20.47 -5.01 -5.62
CA ASP A 76 -19.58 -3.88 -5.34
C ASP A 76 -18.61 -3.65 -6.49
N PHE A 77 -18.02 -4.72 -7.06
CA PHE A 77 -17.16 -4.58 -8.23
C PHE A 77 -17.93 -4.00 -9.42
N ASN A 78 -19.19 -4.45 -9.67
CA ASN A 78 -20.01 -3.93 -10.77
C ASN A 78 -20.37 -2.46 -10.56
N THR A 79 -20.65 -2.06 -9.31
CA THR A 79 -20.93 -0.66 -8.98
C THR A 79 -19.69 0.18 -9.28
N MET A 80 -18.49 -0.31 -8.96
CA MET A 80 -17.25 0.41 -9.26
C MET A 80 -17.13 0.69 -10.76
N PHE A 81 -17.36 -0.31 -11.60
CA PHE A 81 -17.28 -0.17 -13.05
C PHE A 81 -18.34 0.78 -13.61
N THR A 82 -19.63 0.58 -13.25
CA THR A 82 -20.69 1.45 -13.79
C THR A 82 -20.62 2.87 -13.24
N ASN A 83 -20.13 3.08 -12.01
CA ASN A 83 -19.94 4.45 -11.47
C ASN A 83 -18.95 5.20 -12.37
N CYS A 84 -17.91 4.50 -12.83
CA CYS A 84 -16.93 5.08 -13.74
C CYS A 84 -17.55 5.44 -15.10
N TYR A 85 -18.41 4.57 -15.63
CA TYR A 85 -19.10 4.80 -16.92
C TYR A 85 -20.16 5.89 -16.79
N ILE A 86 -20.76 6.05 -15.61
CA ILE A 86 -21.77 7.09 -15.40
C ILE A 86 -21.11 8.46 -15.30
N TYR A 87 -20.08 8.60 -14.46
CA TYR A 87 -19.44 9.89 -14.24
C TYR A 87 -18.60 10.40 -15.41
N ASN A 88 -17.88 9.52 -16.06
CA ASN A 88 -16.96 9.93 -17.12
C ASN A 88 -17.59 9.79 -18.51
N LYS A 89 -16.89 10.25 -19.53
CA LYS A 89 -17.36 10.21 -20.90
C LYS A 89 -16.83 8.98 -21.58
N PRO A 90 -17.57 8.38 -22.54
CA PRO A 90 -16.99 7.23 -23.27
C PRO A 90 -15.75 7.71 -24.03
N GLY A 91 -14.75 6.85 -24.09
CA GLY A 91 -13.51 7.23 -24.76
C GLY A 91 -12.48 7.82 -23.84
N ASP A 92 -12.89 8.32 -22.64
CA ASP A 92 -11.95 8.82 -21.63
C ASP A 92 -11.04 7.65 -21.21
N ASP A 93 -9.76 7.94 -20.91
CA ASP A 93 -8.78 6.93 -20.50
C ASP A 93 -9.27 6.15 -19.27
N ILE A 94 -9.87 6.82 -18.28
CA ILE A 94 -10.37 6.15 -17.09
C ILE A 94 -11.45 5.08 -17.44
N VAL A 95 -12.31 5.36 -18.44
CA VAL A 95 -13.32 4.43 -18.92
C VAL A 95 -12.65 3.24 -19.61
N LEU A 96 -11.61 3.49 -20.41
CA LEU A 96 -10.86 2.44 -21.11
C LEU A 96 -10.15 1.52 -20.11
N MET A 97 -9.66 2.10 -19.01
CA MET A 97 -9.01 1.37 -17.94
C MET A 97 -10.02 0.50 -17.22
N ALA A 98 -11.22 1.05 -16.87
CA ALA A 98 -12.29 0.29 -16.21
C ALA A 98 -12.79 -0.85 -17.09
N GLU A 99 -12.90 -0.63 -18.40
CA GLU A 99 -13.35 -1.65 -19.34
C GLU A 99 -12.42 -2.84 -19.38
N ALA A 100 -11.10 -2.57 -19.32
CA ALA A 100 -10.07 -3.59 -19.32
C ALA A 100 -10.12 -4.43 -18.05
N LEU A 101 -10.30 -3.76 -16.89
CA LEU A 101 -10.38 -4.42 -15.61
C LEU A 101 -11.68 -5.24 -15.52
N GLU A 102 -12.78 -4.72 -16.09
CA GLU A 102 -14.06 -5.40 -16.10
C GLU A 102 -14.01 -6.70 -16.90
N LYS A 103 -13.34 -6.66 -18.06
CA LYS A 103 -13.17 -7.82 -18.93
C LYS A 103 -12.41 -8.91 -18.18
N LEU A 104 -11.33 -8.52 -17.48
CA LEU A 104 -10.52 -9.43 -16.66
C LEU A 104 -11.35 -9.98 -15.49
N PHE A 105 -12.16 -9.12 -14.84
CA PHE A 105 -13.02 -9.50 -13.72
C PHE A 105 -14.03 -10.57 -14.16
N LEU A 106 -14.67 -10.37 -15.32
CA LEU A 106 -15.65 -11.33 -15.82
C LEU A 106 -15.02 -12.68 -16.14
N GLN A 107 -13.77 -12.67 -16.65
CA GLN A 107 -12.99 -13.86 -16.93
C GLN A 107 -12.70 -14.59 -15.61
N LYS A 108 -12.19 -13.89 -14.58
CA LYS A 108 -11.86 -14.52 -13.30
C LYS A 108 -13.11 -15.01 -12.55
N ILE A 109 -14.21 -14.27 -12.67
CA ILE A 109 -15.47 -14.62 -12.02
C ILE A 109 -16.15 -15.82 -12.73
N ASN A 110 -15.73 -16.17 -13.96
CA ASN A 110 -16.25 -17.35 -14.65
C ASN A 110 -15.66 -18.66 -14.07
N GLU A 111 -14.48 -18.59 -13.43
CA GLU A 111 -13.85 -19.74 -12.78
C GLU A 111 -14.16 -19.81 -11.27
N LEU A 112 -15.21 -19.11 -10.81
CA LEU A 112 -15.62 -19.04 -9.41
C LEU A 112 -16.19 -20.37 -8.92
N PRO A 113 -15.72 -20.88 -7.76
CA PRO A 113 -16.26 -22.14 -7.24
C PRO A 113 -17.69 -22.04 -6.71
N THR B 8 -13.40 -22.03 9.68
CA THR B 8 -12.71 -23.23 10.16
C THR B 8 -12.47 -23.15 11.67
N ASN B 9 -12.83 -24.24 12.39
CA ASN B 9 -12.61 -24.39 13.84
C ASN B 9 -11.08 -24.36 14.12
N GLN B 10 -10.29 -24.98 13.23
CA GLN B 10 -8.83 -25.04 13.31
C GLN B 10 -8.17 -23.67 13.17
N LEU B 11 -8.59 -22.86 12.17
CA LEU B 11 -8.02 -21.50 12.01
C LEU B 11 -8.35 -20.61 13.22
N GLN B 12 -9.53 -20.82 13.81
CA GLN B 12 -9.98 -20.14 15.01
C GLN B 12 -9.11 -20.52 16.21
N TYR B 13 -8.83 -21.84 16.37
CA TYR B 13 -7.96 -22.38 17.43
C TYR B 13 -6.54 -21.80 17.23
N LEU B 14 -6.05 -21.76 15.99
CA LEU B 14 -4.75 -21.19 15.66
C LEU B 14 -4.64 -19.72 16.11
N LEU B 15 -5.72 -18.92 15.99
CA LEU B 15 -5.72 -17.53 16.39
C LEU B 15 -5.88 -17.37 17.92
N ARG B 16 -6.91 -17.98 18.46
CA ARG B 16 -7.27 -17.85 19.87
C ARG B 16 -6.40 -18.63 20.85
N VAL B 17 -5.84 -19.76 20.41
CA VAL B 17 -5.05 -20.61 21.31
C VAL B 17 -3.57 -20.62 20.92
N VAL B 18 -3.22 -21.15 19.74
CA VAL B 18 -1.82 -21.27 19.34
C VAL B 18 -1.07 -19.93 19.29
N LEU B 19 -1.53 -18.97 18.46
CA LEU B 19 -0.88 -17.68 18.31
C LEU B 19 -0.87 -16.89 19.63
N LYS B 20 -1.97 -16.94 20.40
CA LYS B 20 -2.05 -16.25 21.68
C LYS B 20 -1.00 -16.76 22.68
N THR B 21 -0.80 -18.10 22.75
CA THR B 21 0.18 -18.73 23.62
C THR B 21 1.60 -18.34 23.23
N LEU B 22 1.95 -18.47 21.92
CA LEU B 22 3.27 -18.12 21.41
C LEU B 22 3.58 -16.63 21.56
N TRP B 23 2.60 -15.75 21.27
CA TRP B 23 2.73 -14.30 21.37
C TRP B 23 3.08 -13.83 22.77
N LYS B 24 2.49 -14.48 23.78
CA LYS B 24 2.69 -14.13 25.20
C LYS B 24 3.97 -14.69 25.82
N HIS B 25 4.67 -15.58 25.11
CA HIS B 25 5.90 -16.20 25.58
C HIS B 25 7.02 -15.16 25.72
N GLN B 26 7.96 -15.38 26.65
CA GLN B 26 9.06 -14.43 26.92
C GLN B 26 9.99 -14.23 25.72
N PHE B 27 10.10 -15.23 24.84
CA PHE B 27 10.99 -15.17 23.68
C PHE B 27 10.31 -14.69 22.40
N ALA B 28 9.03 -14.29 22.47
CA ALA B 28 8.26 -13.87 21.31
C ALA B 28 8.65 -12.55 20.68
N TRP B 29 9.09 -11.58 21.48
CA TRP B 29 9.35 -10.23 20.99
C TRP B 29 10.22 -10.13 19.70
N PRO B 30 11.32 -10.89 19.43
CA PRO B 30 12.03 -10.70 18.13
C PRO B 30 11.28 -11.26 16.91
N PHE B 31 10.19 -11.99 17.16
CA PHE B 31 9.37 -12.64 16.13
C PHE B 31 7.99 -11.99 15.92
N GLN B 32 7.66 -10.91 16.67
CA GLN B 32 6.35 -10.23 16.61
C GLN B 32 6.20 -9.27 15.44
N GLN B 33 7.32 -8.87 14.81
CA GLN B 33 7.35 -7.95 13.68
C GLN B 33 8.37 -8.48 12.67
N PRO B 34 8.31 -8.07 11.38
CA PRO B 34 9.37 -8.49 10.44
C PRO B 34 10.76 -8.08 10.94
N VAL B 35 11.81 -8.81 10.53
CA VAL B 35 13.18 -8.47 10.92
C VAL B 35 13.55 -7.14 10.24
N ASP B 36 13.87 -6.10 11.02
CA ASP B 36 14.22 -4.80 10.44
C ASP B 36 15.71 -4.84 10.10
N ALA B 37 16.05 -5.34 8.90
CA ALA B 37 17.43 -5.50 8.42
C ALA B 37 18.22 -4.20 8.34
N VAL B 38 17.53 -3.08 8.16
CA VAL B 38 18.15 -1.77 8.13
C VAL B 38 18.63 -1.36 9.54
N LYS B 39 17.72 -1.29 10.55
CA LYS B 39 18.14 -0.87 11.88
C LYS B 39 19.04 -1.91 12.60
N LEU B 40 19.03 -3.18 12.15
CA LEU B 40 19.91 -4.20 12.75
C LEU B 40 21.22 -4.41 11.98
N ASN B 41 21.40 -3.71 10.84
CA ASN B 41 22.55 -3.79 9.96
C ASN B 41 22.82 -5.21 9.48
N LEU B 42 21.80 -5.82 8.87
CA LEU B 42 21.90 -7.15 8.26
C LEU B 42 21.53 -6.94 6.77
N PRO B 43 22.43 -6.37 5.93
CA PRO B 43 22.05 -6.09 4.53
C PRO B 43 21.91 -7.34 3.65
N ASP B 44 22.39 -8.48 4.13
CA ASP B 44 22.27 -9.76 3.42
C ASP B 44 20.99 -10.53 3.76
N TYR B 45 20.26 -10.13 4.84
CA TYR B 45 19.04 -10.81 5.29
C TYR B 45 18.02 -11.05 4.19
N TYR B 46 17.61 -10.01 3.48
CA TYR B 46 16.59 -10.15 2.43
C TYR B 46 17.11 -10.78 1.13
N LYS B 47 18.43 -10.97 1.02
CA LYS B 47 19.04 -11.66 -0.12
C LYS B 47 18.99 -13.15 0.19
N ILE B 48 19.31 -13.56 1.44
CA ILE B 48 19.31 -14.97 1.88
C ILE B 48 17.89 -15.49 2.15
N ILE B 49 17.06 -14.71 2.87
CA ILE B 49 15.69 -15.09 3.22
C ILE B 49 14.70 -14.53 2.20
N LYS B 50 14.26 -15.41 1.29
CA LYS B 50 13.38 -15.08 0.17
C LYS B 50 11.92 -14.91 0.57
N THR B 51 11.47 -15.68 1.57
CA THR B 51 10.09 -15.56 2.08
C THR B 51 10.13 -15.18 3.56
N PRO B 52 10.35 -13.89 3.91
CA PRO B 52 10.35 -13.51 5.33
C PRO B 52 9.00 -13.77 5.98
N MET B 53 9.00 -14.20 7.24
CA MET B 53 7.76 -14.48 7.95
C MET B 53 7.90 -14.17 9.44
N ASP B 54 6.81 -13.66 10.06
CA ASP B 54 6.80 -13.31 11.48
C ASP B 54 5.40 -13.48 12.04
N MET B 55 5.27 -13.51 13.38
CA MET B 55 3.98 -13.68 14.02
C MET B 55 3.01 -12.50 13.81
N GLY B 56 3.54 -11.30 13.59
CA GLY B 56 2.71 -10.14 13.30
C GLY B 56 1.99 -10.29 11.97
N THR B 57 2.68 -10.84 10.96
CA THR B 57 2.12 -11.09 9.62
C THR B 57 1.14 -12.24 9.70
N ILE B 58 1.45 -13.30 10.48
CA ILE B 58 0.55 -14.45 10.67
C ILE B 58 -0.75 -13.96 11.35
N LYS B 59 -0.62 -13.12 12.39
CA LYS B 59 -1.76 -12.54 13.11
C LYS B 59 -2.65 -11.72 12.15
N LYS B 60 -2.06 -10.84 11.33
CA LYS B 60 -2.79 -10.04 10.35
C LYS B 60 -3.47 -10.96 9.33
N ARG B 61 -2.78 -12.01 8.85
CA ARG B 61 -3.37 -12.96 7.92
C ARG B 61 -4.54 -13.73 8.53
N LEU B 62 -4.46 -14.10 9.82
CA LEU B 62 -5.58 -14.78 10.49
C LEU B 62 -6.75 -13.82 10.69
N GLU B 63 -6.45 -12.57 11.06
CA GLU B 63 -7.46 -11.54 11.30
C GLU B 63 -8.12 -11.03 10.04
N ASN B 64 -7.48 -11.16 8.86
CA ASN B 64 -7.99 -10.60 7.61
C ASN B 64 -8.36 -11.62 6.53
N ASN B 65 -8.69 -12.86 6.97
CA ASN B 65 -9.20 -13.94 6.13
C ASN B 65 -8.27 -14.36 5.03
N TYR B 66 -6.97 -14.26 5.25
CA TYR B 66 -6.01 -14.60 4.20
C TYR B 66 -5.96 -16.09 3.91
N TYR B 67 -5.92 -16.93 4.95
CA TYR B 67 -5.72 -18.34 4.76
C TYR B 67 -6.87 -19.14 4.19
N TRP B 68 -6.53 -19.98 3.20
CA TRP B 68 -7.45 -20.95 2.61
C TRP B 68 -7.76 -22.03 3.64
N ASN B 69 -6.74 -22.49 4.37
CA ASN B 69 -6.89 -23.57 5.35
C ASN B 69 -5.84 -23.45 6.48
N ALA B 70 -6.03 -24.24 7.56
CA ALA B 70 -5.15 -24.29 8.72
C ALA B 70 -3.73 -24.70 8.34
N GLN B 71 -3.56 -25.54 7.30
CA GLN B 71 -2.22 -25.97 6.85
C GLN B 71 -1.41 -24.84 6.26
N GLU B 72 -2.09 -23.89 5.59
CA GLU B 72 -1.45 -22.73 5.00
C GLU B 72 -0.88 -21.84 6.12
N CYS B 73 -1.59 -21.74 7.26
CA CYS B 73 -1.15 -21.00 8.45
C CYS B 73 0.03 -21.72 9.12
N ILE B 74 -0.06 -23.07 9.35
CA ILE B 74 1.03 -23.87 9.93
C ILE B 74 2.31 -23.70 9.11
N GLN B 75 2.20 -23.69 7.76
CA GLN B 75 3.35 -23.50 6.89
C GLN B 75 4.04 -22.14 7.13
N ASP B 76 3.25 -21.09 7.44
CA ASP B 76 3.82 -19.78 7.75
C ASP B 76 4.62 -19.80 9.05
N PHE B 77 4.14 -20.49 10.08
CA PHE B 77 4.89 -20.62 11.32
C PHE B 77 6.21 -21.39 11.07
N ASN B 78 6.16 -22.48 10.26
CA ASN B 78 7.35 -23.26 9.93
C ASN B 78 8.35 -22.45 9.13
N THR B 79 7.87 -21.59 8.21
CA THR B 79 8.77 -20.72 7.44
C THR B 79 9.45 -19.75 8.36
N MET B 80 8.71 -19.16 9.34
CA MET B 80 9.30 -18.26 10.33
C MET B 80 10.46 -18.97 11.12
N PHE B 81 10.22 -20.20 11.60
CA PHE B 81 11.24 -20.95 12.34
C PHE B 81 12.44 -21.31 11.49
N THR B 82 12.23 -21.94 10.30
CA THR B 82 13.35 -22.31 9.44
C THR B 82 14.11 -21.10 8.91
N ASN B 83 13.46 -19.95 8.67
CA ASN B 83 14.15 -18.72 8.23
C ASN B 83 15.22 -18.32 9.26
N CYS B 84 14.87 -18.45 10.55
CA CYS B 84 15.74 -18.15 11.66
C CYS B 84 16.94 -19.11 11.71
N TYR B 85 16.69 -20.39 11.46
CA TYR B 85 17.73 -21.41 11.46
C TYR B 85 18.69 -21.25 10.26
N ILE B 86 18.15 -20.81 9.11
CA ILE B 86 18.93 -20.61 7.89
C ILE B 86 19.84 -19.42 8.06
N TYR B 87 19.31 -18.25 8.42
CA TYR B 87 20.09 -17.03 8.55
C TYR B 87 21.09 -17.01 9.70
N ASN B 88 20.71 -17.58 10.85
CA ASN B 88 21.57 -17.52 12.03
C ASN B 88 22.41 -18.80 12.23
N LYS B 89 23.36 -18.77 13.18
CA LYS B 89 24.22 -19.91 13.47
C LYS B 89 23.62 -20.73 14.61
N PRO B 90 23.78 -22.08 14.62
CA PRO B 90 23.27 -22.87 15.76
C PRO B 90 23.97 -22.42 17.06
N GLY B 91 23.23 -22.41 18.15
CA GLY B 91 23.78 -21.94 19.43
C GLY B 91 23.57 -20.47 19.69
N ASP B 92 23.28 -19.67 18.62
CA ASP B 92 22.97 -18.22 18.74
C ASP B 92 21.71 -18.06 19.59
N ASP B 93 21.63 -17.00 20.40
CA ASP B 93 20.48 -16.76 21.27
C ASP B 93 19.14 -16.76 20.50
N ILE B 94 19.09 -16.09 19.34
CA ILE B 94 17.87 -16.05 18.53
C ILE B 94 17.43 -17.45 18.11
N VAL B 95 18.39 -18.35 17.78
CA VAL B 95 18.09 -19.74 17.40
C VAL B 95 17.52 -20.53 18.59
N LEU B 96 18.07 -20.29 19.78
CA LEU B 96 17.58 -20.95 21.01
C LEU B 96 16.15 -20.47 21.33
N MET B 97 15.86 -19.19 21.07
CA MET B 97 14.54 -18.59 21.25
C MET B 97 13.53 -19.22 20.25
N ALA B 98 13.93 -19.34 18.97
CA ALA B 98 13.08 -19.97 17.95
C ALA B 98 12.79 -21.45 18.28
N GLU B 99 13.80 -22.18 18.77
CA GLU B 99 13.65 -23.59 19.13
C GLU B 99 12.67 -23.79 20.29
N ALA B 100 12.72 -22.90 21.29
CA ALA B 100 11.82 -22.93 22.42
C ALA B 100 10.36 -22.65 21.96
N LEU B 101 10.16 -21.67 21.05
CA LEU B 101 8.84 -21.36 20.50
C LEU B 101 8.35 -22.49 19.60
N GLU B 102 9.26 -23.10 18.83
CA GLU B 102 8.89 -24.20 17.94
C GLU B 102 8.42 -25.42 18.73
N LYS B 103 9.09 -25.69 19.87
CA LYS B 103 8.73 -26.79 20.76
C LYS B 103 7.32 -26.56 21.31
N LEU B 104 7.05 -25.33 21.77
CA LEU B 104 5.74 -24.91 22.28
C LEU B 104 4.66 -24.97 21.18
N PHE B 105 5.02 -24.56 19.96
CA PHE B 105 4.13 -24.58 18.80
C PHE B 105 3.69 -26.01 18.47
N LEU B 106 4.64 -26.96 18.42
CA LEU B 106 4.34 -28.37 18.14
C LEU B 106 3.47 -29.01 19.25
N GLN B 107 3.67 -28.59 20.51
CA GLN B 107 2.83 -29.04 21.63
C GLN B 107 1.39 -28.58 21.42
N LYS B 108 1.20 -27.27 21.14
CA LYS B 108 -0.12 -26.66 20.95
C LYS B 108 -0.81 -27.14 19.68
N ILE B 109 -0.04 -27.38 18.64
CA ILE B 109 -0.57 -27.86 17.35
C ILE B 109 -0.99 -29.35 17.43
N ASN B 110 -0.49 -30.10 18.43
CA ASN B 110 -0.91 -31.49 18.63
C ASN B 110 -2.32 -31.60 19.24
N GLU B 111 -2.79 -30.55 19.93
CA GLU B 111 -4.13 -30.52 20.51
C GLU B 111 -5.16 -29.80 19.61
N LEU B 112 -4.82 -29.58 18.33
CA LEU B 112 -5.64 -28.92 17.31
C LEU B 112 -6.90 -29.76 16.97
N PRO B 113 -8.09 -29.14 16.90
CA PRO B 113 -9.30 -29.91 16.57
C PRO B 113 -9.37 -30.30 15.09
N THR C 8 11.44 31.35 11.47
CA THR C 8 11.43 32.57 10.64
C THR C 8 10.11 32.68 9.86
N ASN C 9 9.75 33.91 9.51
CA ASN C 9 8.55 34.20 8.71
C ASN C 9 8.65 33.65 7.27
N GLN C 10 9.88 33.38 6.78
CA GLN C 10 10.12 32.83 5.46
C GLN C 10 9.68 31.36 5.36
N LEU C 11 10.01 30.54 6.36
CA LEU C 11 9.55 29.13 6.41
C LEU C 11 8.02 29.10 6.64
N GLN C 12 7.51 30.05 7.41
CA GLN C 12 6.10 30.25 7.68
C GLN C 12 5.36 30.57 6.40
N TYR C 13 5.94 31.42 5.55
CA TYR C 13 5.39 31.82 4.25
C TYR C 13 5.40 30.61 3.31
N LEU C 14 6.46 29.81 3.34
CA LEU C 14 6.54 28.60 2.54
C LEU C 14 5.46 27.62 2.93
N LEU C 15 5.15 27.48 4.23
CA LEU C 15 4.09 26.57 4.67
C LEU C 15 2.69 27.15 4.40
N ARG C 16 2.42 28.36 4.91
CA ARG C 16 1.10 28.99 4.86
C ARG C 16 0.69 29.52 3.50
N VAL C 17 1.65 29.96 2.68
CA VAL C 17 1.29 30.54 1.39
C VAL C 17 1.73 29.69 0.19
N VAL C 18 3.03 29.46 0.01
CA VAL C 18 3.55 28.73 -1.14
C VAL C 18 3.02 27.29 -1.22
N LEU C 19 3.24 26.45 -0.18
CA LEU C 19 2.78 25.07 -0.17
C LEU C 19 1.25 24.97 -0.28
N LYS C 20 0.51 25.83 0.42
CA LYS C 20 -0.95 25.85 0.36
C LYS C 20 -1.48 26.12 -1.05
N THR C 21 -0.86 27.07 -1.76
CA THR C 21 -1.25 27.43 -3.11
C THR C 21 -1.01 26.28 -4.07
N LEU C 22 0.17 25.67 -4.00
CA LEU C 22 0.53 24.57 -4.88
C LEU C 22 -0.30 23.31 -4.60
N TRP C 23 -0.55 23.03 -3.32
CA TRP C 23 -1.30 21.85 -2.88
C TRP C 23 -2.73 21.87 -3.39
N LYS C 24 -3.36 23.06 -3.44
CA LYS C 24 -4.74 23.24 -3.88
C LYS C 24 -4.90 23.24 -5.39
N HIS C 25 -3.82 23.39 -6.15
CA HIS C 25 -3.86 23.43 -7.61
C HIS C 25 -4.40 22.12 -8.19
N GLN C 26 -5.01 22.18 -9.38
CA GLN C 26 -5.60 21.04 -10.06
C GLN C 26 -4.57 19.97 -10.42
N PHE C 27 -3.33 20.39 -10.72
CA PHE C 27 -2.25 19.50 -11.12
C PHE C 27 -1.42 18.97 -9.95
N ALA C 28 -1.81 19.27 -8.69
CA ALA C 28 -1.04 18.85 -7.52
C ALA C 28 -1.04 17.39 -7.19
N TRP C 29 -2.18 16.68 -7.37
CA TRP C 29 -2.34 15.31 -6.91
C TRP C 29 -1.17 14.36 -7.25
N PRO C 30 -0.48 14.35 -8.43
CA PRO C 30 0.61 13.36 -8.63
C PRO C 30 1.91 13.69 -7.86
N PHE C 31 1.95 14.88 -7.22
CA PHE C 31 3.10 15.40 -6.45
C PHE C 31 2.85 15.47 -4.94
N GLN C 32 1.67 14.99 -4.46
CA GLN C 32 1.32 15.06 -3.04
C GLN C 32 1.87 13.92 -2.18
N GLN C 33 2.48 12.91 -2.81
CA GLN C 33 3.03 11.72 -2.15
C GLN C 33 4.23 11.27 -2.97
N PRO C 34 5.16 10.47 -2.41
CA PRO C 34 6.24 9.93 -3.25
C PRO C 34 5.70 9.12 -4.43
N VAL C 35 6.46 9.04 -5.53
CA VAL C 35 6.07 8.22 -6.68
C VAL C 35 6.09 6.75 -6.23
N ASP C 36 4.96 6.03 -6.41
CA ASP C 36 4.92 4.62 -6.02
C ASP C 36 5.36 3.84 -7.25
N ALA C 37 6.67 3.57 -7.35
CA ALA C 37 7.29 2.89 -8.49
C ALA C 37 6.77 1.45 -8.67
N VAL C 38 6.38 0.80 -7.57
CA VAL C 38 5.85 -0.54 -7.59
C VAL C 38 4.46 -0.59 -8.25
N LYS C 39 3.50 0.22 -7.76
CA LYS C 39 2.15 0.21 -8.33
C LYS C 39 2.09 0.86 -9.72
N LEU C 40 3.08 1.70 -10.07
CA LEU C 40 3.07 2.30 -11.40
C LEU C 40 3.93 1.58 -12.42
N ASN C 41 4.55 0.44 -12.02
CA ASN C 41 5.44 -0.36 -12.85
C ASN C 41 6.61 0.47 -13.45
N LEU C 42 7.35 1.19 -12.60
CA LEU C 42 8.52 1.99 -12.99
C LEU C 42 9.69 1.43 -12.17
N PRO C 43 10.25 0.24 -12.55
CA PRO C 43 11.30 -0.36 -11.69
C PRO C 43 12.64 0.38 -11.71
N ASP C 44 12.86 1.21 -12.73
CA ASP C 44 14.07 2.01 -12.91
C ASP C 44 13.99 3.38 -12.22
N TYR C 45 12.80 3.82 -11.75
CA TYR C 45 12.64 5.12 -11.11
C TYR C 45 13.65 5.38 -9.99
N TYR C 46 13.75 4.46 -9.03
CA TYR C 46 14.64 4.63 -7.89
C TYR C 46 16.14 4.35 -8.22
N LYS C 47 16.44 3.89 -9.43
CA LYS C 47 17.81 3.74 -9.88
C LYS C 47 18.24 5.09 -10.50
N ILE C 48 17.37 5.75 -11.24
CA ILE C 48 17.63 7.03 -11.87
C ILE C 48 17.54 8.22 -10.88
N ILE C 49 16.48 8.29 -10.07
CA ILE C 49 16.20 9.36 -9.11
C ILE C 49 16.75 9.01 -7.76
N LYS C 50 17.89 9.59 -7.40
CA LYS C 50 18.54 9.27 -6.12
C LYS C 50 18.07 10.10 -4.94
N THR C 51 17.44 11.26 -5.19
CA THR C 51 16.83 12.03 -4.11
C THR C 51 15.36 12.30 -4.47
N PRO C 52 14.47 11.30 -4.28
CA PRO C 52 13.05 11.54 -4.57
C PRO C 52 12.48 12.63 -3.65
N MET C 53 11.54 13.42 -4.17
CA MET C 53 10.93 14.50 -3.41
C MET C 53 9.49 14.74 -3.87
N ASP C 54 8.63 15.14 -2.94
CA ASP C 54 7.23 15.39 -3.18
C ASP C 54 6.73 16.41 -2.15
N MET C 55 5.55 16.98 -2.39
CA MET C 55 4.96 17.98 -1.50
C MET C 55 4.50 17.42 -0.16
N GLY C 56 4.20 16.13 -0.09
CA GLY C 56 3.85 15.50 1.18
C GLY C 56 5.04 15.46 2.10
N THR C 57 6.23 15.13 1.56
CA THR C 57 7.49 15.14 2.33
C THR C 57 7.87 16.58 2.72
N ILE C 58 7.76 17.55 1.79
CA ILE C 58 8.04 18.96 2.10
C ILE C 58 7.14 19.46 3.24
N LYS C 59 5.83 19.13 3.18
CA LYS C 59 4.83 19.46 4.19
C LYS C 59 5.21 18.87 5.56
N LYS C 60 5.56 17.58 5.62
CA LYS C 60 6.03 16.94 6.86
C LYS C 60 7.32 17.61 7.38
N ARG C 61 8.27 17.93 6.50
CA ARG C 61 9.50 18.62 6.89
C ARG C 61 9.24 20.01 7.45
N LEU C 62 8.29 20.77 6.88
CA LEU C 62 7.94 22.09 7.40
C LEU C 62 7.24 21.97 8.75
N GLU C 63 6.38 20.95 8.90
CA GLU C 63 5.62 20.75 10.13
C GLU C 63 6.47 20.23 11.26
N ASN C 64 7.52 19.45 10.94
CA ASN C 64 8.36 18.81 11.93
C ASN C 64 9.78 19.35 12.05
N ASN C 65 9.94 20.68 11.79
CA ASN C 65 11.18 21.43 12.00
C ASN C 65 12.45 20.87 11.33
N TYR C 66 12.31 20.20 10.17
CA TYR C 66 13.46 19.62 9.52
C TYR C 66 14.45 20.65 9.02
N TYR C 67 13.98 21.68 8.35
CA TYR C 67 14.77 22.66 7.62
C TYR C 67 15.68 23.58 8.42
N TRP C 68 16.95 23.71 7.95
CA TRP C 68 17.91 24.66 8.53
C TRP C 68 17.42 26.10 8.28
N ASN C 69 16.82 26.35 7.11
CA ASN C 69 16.29 27.62 6.67
C ASN C 69 15.34 27.42 5.47
N ALA C 70 14.76 28.52 4.97
CA ALA C 70 13.83 28.53 3.85
C ALA C 70 14.44 28.06 2.54
N GLN C 71 15.74 28.32 2.33
CA GLN C 71 16.48 27.95 1.12
C GLN C 71 16.62 26.43 0.97
N GLU C 72 16.69 25.71 2.08
CA GLU C 72 16.74 24.26 2.07
C GLU C 72 15.36 23.71 1.60
N CYS C 73 14.25 24.41 1.92
CA CYS C 73 12.91 24.04 1.50
C CYS C 73 12.69 24.34 0.02
N ILE C 74 13.15 25.52 -0.46
CA ILE C 74 13.12 25.89 -1.88
C ILE C 74 13.89 24.84 -2.70
N GLN C 75 15.03 24.35 -2.21
CA GLN C 75 15.83 23.31 -2.86
C GLN C 75 15.01 22.00 -3.01
N ASP C 76 14.21 21.66 -1.99
CA ASP C 76 13.32 20.48 -2.06
C ASP C 76 12.26 20.64 -3.13
N PHE C 77 11.63 21.83 -3.25
CA PHE C 77 10.67 22.07 -4.31
C PHE C 77 11.33 21.93 -5.69
N ASN C 78 12.55 22.49 -5.85
CA ASN C 78 13.29 22.36 -7.11
C ASN C 78 13.65 20.91 -7.44
N THR C 79 14.06 20.13 -6.45
CA THR C 79 14.38 18.72 -6.64
C THR C 79 13.12 17.97 -7.11
N MET C 80 11.95 18.28 -6.53
CA MET C 80 10.68 17.68 -6.96
C MET C 80 10.44 17.92 -8.46
N PHE C 81 10.57 19.16 -8.92
CA PHE C 81 10.36 19.53 -10.32
C PHE C 81 11.38 18.89 -11.22
N THR C 82 12.70 19.00 -10.91
CA THR C 82 13.73 18.47 -11.79
C THR C 82 13.75 16.97 -11.81
N ASN C 83 13.37 16.29 -10.71
CA ASN C 83 13.27 14.82 -10.72
C ASN C 83 12.27 14.38 -11.84
N CYS C 84 11.18 15.16 -12.02
CA CYS C 84 10.13 14.94 -13.01
C CYS C 84 10.69 15.08 -14.42
N TYR C 85 11.44 16.16 -14.67
CA TYR C 85 12.08 16.47 -15.94
C TYR C 85 13.15 15.42 -16.27
N ILE C 86 13.86 14.91 -15.26
CA ILE C 86 14.89 13.91 -15.49
C ILE C 86 14.23 12.61 -15.95
N TYR C 87 13.29 12.06 -15.15
CA TYR C 87 12.66 10.78 -15.41
C TYR C 87 11.73 10.73 -16.62
N ASN C 88 10.89 11.75 -16.82
CA ASN C 88 9.88 11.70 -17.88
C ASN C 88 10.29 12.37 -19.17
N LYS C 89 9.54 12.11 -20.25
CA LYS C 89 9.84 12.70 -21.56
C LYS C 89 9.28 14.11 -21.64
N PRO C 90 9.96 15.02 -22.34
CA PRO C 90 9.40 16.37 -22.53
C PRO C 90 8.07 16.26 -23.28
N GLY C 91 7.09 17.07 -22.88
CA GLY C 91 5.78 17.02 -23.52
C GLY C 91 4.80 16.07 -22.86
N ASP C 92 5.30 15.13 -22.00
CA ASP C 92 4.43 14.21 -21.25
C ASP C 92 3.51 15.02 -20.35
N ASP C 93 2.30 14.52 -20.08
CA ASP C 93 1.35 15.23 -19.21
C ASP C 93 1.94 15.56 -17.83
N ILE C 94 2.64 14.61 -17.19
CA ILE C 94 3.28 14.83 -15.89
C ILE C 94 4.28 15.99 -15.95
N VAL C 95 5.03 16.12 -17.05
CA VAL C 95 5.97 17.22 -17.25
C VAL C 95 5.25 18.56 -17.40
N LEU C 96 4.15 18.59 -18.17
CA LEU C 96 3.35 19.81 -18.34
C LEU C 96 2.70 20.25 -17.03
N MET C 97 2.28 19.29 -16.21
CA MET C 97 1.72 19.52 -14.88
C MET C 97 2.80 20.10 -13.97
N ALA C 98 4.02 19.49 -13.94
CA ALA C 98 5.13 20.01 -13.12
C ALA C 98 5.53 21.43 -13.56
N GLU C 99 5.53 21.71 -14.87
CA GLU C 99 5.85 23.03 -15.38
C GLU C 99 4.87 24.10 -14.93
N ALA C 100 3.58 23.76 -14.87
CA ALA C 100 2.56 24.70 -14.41
C ALA C 100 2.75 24.99 -12.93
N LEU C 101 3.01 23.95 -12.12
CA LEU C 101 3.25 24.11 -10.69
C LEU C 101 4.52 24.91 -10.42
N GLU C 102 5.56 24.71 -11.24
CA GLU C 102 6.84 25.41 -11.09
C GLU C 102 6.70 26.88 -11.42
N LYS C 103 5.90 27.20 -12.45
CA LYS C 103 5.62 28.58 -12.83
C LYS C 103 4.90 29.28 -11.66
N LEU C 104 3.89 28.63 -11.08
CA LEU C 104 3.15 29.17 -9.93
C LEU C 104 4.06 29.31 -8.71
N PHE C 105 4.92 28.31 -8.47
CA PHE C 105 5.90 28.32 -7.39
C PHE C 105 6.83 29.55 -7.49
N LEU C 106 7.38 29.83 -8.70
CA LEU C 106 8.28 30.97 -8.91
C LEU C 106 7.57 32.30 -8.71
N GLN C 107 6.28 32.39 -9.05
CA GLN C 107 5.48 33.59 -8.81
C GLN C 107 5.36 33.81 -7.31
N LYS C 108 4.91 32.78 -6.56
CA LYS C 108 4.75 32.90 -5.10
C LYS C 108 6.07 33.13 -4.35
N ILE C 109 7.15 32.52 -4.81
CA ILE C 109 8.47 32.65 -4.20
C ILE C 109 9.11 34.04 -4.49
N ASN C 110 8.55 34.80 -5.45
CA ASN C 110 9.01 36.16 -5.74
C ASN C 110 8.52 37.16 -4.67
N GLU C 111 7.38 36.88 -4.01
CA GLU C 111 6.84 37.71 -2.93
C GLU C 111 7.34 37.26 -1.54
N LEU C 112 8.38 36.39 -1.46
CA LEU C 112 8.95 35.84 -0.23
C LEU C 112 9.59 36.90 0.67
N PRO C 113 9.23 36.93 1.98
CA PRO C 113 9.83 37.94 2.88
C PRO C 113 11.28 37.63 3.23
#